data_5LYV
#
_entry.id   5LYV
#
_cell.length_a   47.120
_cell.length_b   47.740
_cell.length_c   68.940
_cell.angle_alpha   90.000
_cell.angle_beta   105.200
_cell.angle_gamma   90.000
#
_symmetry.space_group_name_H-M   'P 1 21 1'
#
loop_
_entity.id
_entity.type
_entity.pdbx_description
1 polymer '7SK RNA'
2 non-polymer 'osmium (III) hexammine'
3 non-polymer 'MAGNESIUM ION'
4 non-polymer 'CHLORIDE ION'
5 water water
#
_entity_poly.entity_id   1
_entity_poly.type   'polyribonucleotide'
_entity_poly.pdbx_seq_one_letter_code
;GGGAUCUGUCACCCCAUUGAUCGCCUUCGGGCUGAUCUGGCUGGCUAGGCGGGUCC(CCC)
;
_entity_poly.pdbx_strand_id   A,B
#
loop_
_chem_comp.id
_chem_comp.type
_chem_comp.name
_chem_comp.formula
A RNA linking ADENOSINE-5'-MONOPHOSPHATE 'C10 H14 N5 O7 P'
C RNA linking CYTIDINE-5'-MONOPHOSPHATE 'C9 H14 N3 O8 P'
CCC RNA linking 'CYTIDINE-5'-PHOSPHATE-2',3'-CYCLIC PHOSPHATE' 'C9 H13 N3 O10 P2'
CL non-polymer 'CHLORIDE ION' 'Cl -1'
G RNA linking GUANOSINE-5'-MONOPHOSPHATE 'C10 H14 N5 O8 P'
MG non-polymer 'MAGNESIUM ION' 'Mg 2'
OHX non-polymer 'osmium (III) hexammine' 'H12 N6 Os'
U RNA linking URIDINE-5'-MONOPHOSPHATE 'C9 H13 N2 O9 P'
#
# COMPACT_ATOMS: atom_id res chain seq x y z
PC CCC A 57 8.71 -39.47 -5.73
O1C CCC A 57 9.75 -39.94 -6.72
O2C CCC A 57 7.24 -39.45 -6.06
P CCC A 57 8.39 -40.83 1.04
OP1 CCC A 57 7.70 -42.16 0.83
OP2 CCC A 57 9.72 -40.79 1.76
O5' CCC A 57 8.60 -40.12 -0.40
C5' CCC A 57 7.56 -40.15 -1.38
C4' CCC A 57 7.84 -39.18 -2.52
O4' CCC A 57 7.88 -37.82 -2.09
C3' CCC A 57 9.16 -39.46 -3.23
O3' CCC A 57 8.91 -40.28 -4.36
C2' CCC A 57 9.55 -38.09 -3.76
O2' CCC A 57 9.12 -38.04 -5.13
C1' CCC A 57 8.80 -37.08 -2.91
N1 CCC A 57 9.76 -36.29 -2.11
C2 CCC A 57 10.37 -35.11 -2.65
O2 CCC A 57 10.11 -34.72 -3.82
N3 CCC A 57 11.23 -34.38 -1.90
C4 CCC A 57 11.53 -34.76 -0.63
N4 CCC A 57 12.42 -34.04 0.11
C5 CCC A 57 10.96 -35.91 -0.09
C6 CCC A 57 10.08 -36.67 -0.86
PC CCC B 57 -5.14 39.14 -6.27
O1C CCC B 57 -3.95 38.92 -7.20
O2C CCC B 57 -6.46 39.61 -6.83
P CCC B 57 -2.66 40.79 0.15
OP1 CCC B 57 -2.11 42.16 -0.16
OP2 CCC B 57 -3.74 40.62 1.20
O5' CCC B 57 -3.19 40.08 -1.19
C5' CCC B 57 -2.52 40.20 -2.46
C4' CCC B 57 -3.07 39.20 -3.48
O4' CCC B 57 -2.93 37.84 -3.04
C3' CCC B 57 -4.55 39.44 -3.81
O3' CCC B 57 -4.67 40.09 -5.07
C2' CCC B 57 -5.14 38.04 -3.94
O2' CCC B 57 -5.33 37.84 -5.35
C1' CCC B 57 -4.10 37.08 -3.37
N1 CCC B 57 -4.64 36.32 -2.21
C2 CCC B 57 -5.34 35.09 -2.38
O2 CCC B 57 -5.59 34.61 -3.51
N3 CCC B 57 -5.76 34.39 -1.29
C4 CCC B 57 -5.52 34.84 -0.03
N4 CCC B 57 -5.98 34.15 1.04
C5 CCC B 57 -4.83 36.04 0.17
C6 CCC B 57 -4.38 36.76 -0.95
OS OHX C . -18.31 -3.40 13.15
N1 OHX C . -17.95 -1.81 14.48
N2 OHX C . -17.17 -4.79 14.22
N3 OHX C . -19.45 -1.99 12.10
N4 OHX C . -19.40 -3.86 14.88
N5 OHX C . -16.31 -2.87 12.88
N6 OHX C . -18.68 -4.97 11.84
MG MG D . 12.89 5.87 15.08
CL CL E . 0.58 19.30 3.91
#